data_9HFU
#
_entry.id   9HFU
#
_cell.length_a   39.808
_cell.length_b   60.882
_cell.length_c   57.117
_cell.angle_alpha   90.000
_cell.angle_beta   90.050
_cell.angle_gamma   90.000
#
_symmetry.space_group_name_H-M   'P 1 21 1'
#
loop_
_entity.id
_entity.type
_entity.pdbx_description
1 polymer 'Speckle type BTB/POZ protein'
2 polymer Caprin-1
3 non-polymer 'SODIUM ION'
4 water water
#
loop_
_entity_poly.entity_id
_entity_poly.type
_entity_poly.pdbx_seq_one_letter_code
_entity_poly.pdbx_strand_id
1 'polypeptide(L)'
;APKVVKFSYMWTINNFSFCREEMGEVIKSSTFSSGANDKLKWCLRVNPKGLDEESKDYLSLYLLLVSCPKSEVRAKFKFS
ILNAKGEETKAMESQRAYRFVQGKDWGFKKFIRRDFLLDEANGLLPDDKLTLFCEVSVVQD
;
A,B
2 'polypeptide(L)' QPEATQVPLVSSTSEGY C,D
#
loop_
_chem_comp.id
_chem_comp.type
_chem_comp.name
_chem_comp.formula
NA non-polymer 'SODIUM ION' 'Na 1'
#
# COMPACT_ATOMS: atom_id res chain seq x y z
N ALA A 1 -14.18 -26.23 -1.46
CA ALA A 1 -13.78 -24.98 -2.11
C ALA A 1 -12.84 -24.17 -1.17
N PRO A 2 -11.55 -23.99 -1.53
CA PRO A 2 -10.67 -23.16 -0.70
C PRO A 2 -11.23 -21.77 -0.45
N LYS A 3 -11.08 -21.28 0.76
CA LYS A 3 -11.45 -19.90 1.08
C LYS A 3 -10.18 -19.06 1.14
N VAL A 4 -10.19 -17.92 0.46
CA VAL A 4 -8.98 -17.12 0.29
C VAL A 4 -9.23 -15.72 0.80
N VAL A 5 -8.28 -15.21 1.60
CA VAL A 5 -8.33 -13.86 2.11
C VAL A 5 -7.09 -13.16 1.56
N LYS A 6 -7.29 -12.17 0.70
CA LYS A 6 -6.19 -11.43 0.08
C LYS A 6 -6.06 -10.03 0.68
N PHE A 7 -4.82 -9.57 0.82
CA PHE A 7 -4.53 -8.24 1.34
C PHE A 7 -3.13 -7.89 0.89
N SER A 8 -2.88 -6.58 0.83
CA SER A 8 -1.66 -6.10 0.23
C SER A 8 -1.06 -5.01 1.09
N TYR A 9 0.19 -4.68 0.80
CA TYR A 9 0.96 -3.76 1.59
C TYR A 9 2.00 -3.09 0.69
N MET A 10 2.20 -1.78 0.88
CA MET A 10 3.20 -1.04 0.13
C MET A 10 4.23 -0.52 1.11
N TRP A 11 5.49 -0.90 0.91
CA TRP A 11 6.57 -0.53 1.79
C TRP A 11 7.50 0.38 1.05
N THR A 12 7.66 1.62 1.53
CA THR A 12 8.69 2.51 1.01
C THR A 12 9.84 2.54 2.01
N ILE A 13 11.01 2.15 1.53
CA ILE A 13 12.24 2.17 2.29
C ILE A 13 12.94 3.46 1.89
N ASN A 14 12.97 4.44 2.80
CA ASN A 14 13.65 5.69 2.51
C ASN A 14 15.13 5.57 2.83
N ASN A 15 15.90 6.50 2.28
CA ASN A 15 17.34 6.58 2.55
C ASN A 15 18.02 5.26 2.21
N PHE A 16 17.68 4.68 1.06
CA PHE A 16 18.16 3.35 0.76
C PHE A 16 19.68 3.30 0.70
N SER A 17 20.32 4.39 0.28
CA SER A 17 21.77 4.45 0.20
C SER A 17 22.43 4.43 1.57
N PHE A 18 21.67 4.58 2.65
CA PHE A 18 22.22 4.54 4.00
C PHE A 18 22.07 3.15 4.62
N CYS A 19 21.68 2.16 3.84
CA CYS A 19 21.82 0.79 4.29
C CYS A 19 23.30 0.52 4.54
N ARG A 20 23.57 -0.31 5.54
CA ARG A 20 24.95 -0.58 5.92
C ARG A 20 25.72 -1.31 4.82
N GLU A 21 27.03 -1.05 4.79
CA GLU A 21 27.95 -1.74 3.89
C GLU A 21 28.38 -3.09 4.44
N GLU A 22 28.46 -3.22 5.77
CA GLU A 22 28.79 -4.48 6.40
C GLU A 22 27.65 -5.46 6.23
N MET A 23 27.98 -6.75 6.29
CA MET A 23 26.97 -7.80 6.17
C MET A 23 26.09 -7.85 7.43
N GLY A 24 24.92 -8.43 7.29
CA GLY A 24 24.09 -8.76 8.43
C GLY A 24 22.94 -7.83 8.73
N GLU A 25 22.78 -6.74 8.01
CA GLU A 25 21.68 -5.83 8.31
C GLU A 25 20.36 -6.43 7.85
N VAL A 26 19.36 -6.35 8.74
CA VAL A 26 17.99 -6.74 8.43
C VAL A 26 17.14 -5.51 8.66
N ILE A 27 16.36 -5.13 7.67
CA ILE A 27 15.39 -4.05 7.81
C ILE A 27 14.00 -4.64 7.70
N LYS A 28 13.09 -4.21 8.58
CA LYS A 28 11.71 -4.73 8.59
C LYS A 28 10.69 -3.61 8.44
N SER A 29 9.56 -3.93 7.81
CA SER A 29 8.45 -2.99 7.69
C SER A 29 7.66 -2.91 9.00
N SER A 30 6.74 -1.97 9.05
CA SER A 30 5.66 -2.00 10.01
C SER A 30 4.81 -3.24 9.79
N THR A 31 4.08 -3.61 10.84
CA THR A 31 3.22 -4.77 10.68
C THR A 31 1.95 -4.40 9.91
N PHE A 32 1.35 -5.40 9.28
CA PHE A 32 0.11 -5.24 8.54
C PHE A 32 -0.70 -6.53 8.63
N SER A 33 -1.96 -6.43 8.20
CA SER A 33 -2.91 -7.53 8.36
C SER A 33 -4.04 -7.36 7.36
N SER A 34 -4.86 -8.39 7.27
CA SER A 34 -6.09 -8.24 6.53
C SER A 34 -7.05 -7.37 7.36
N GLY A 35 -8.14 -6.96 6.71
CA GLY A 35 -9.20 -6.31 7.45
C GLY A 35 -9.98 -7.22 8.40
N ALA A 36 -9.76 -8.53 8.33
CA ALA A 36 -10.43 -9.48 9.20
C ALA A 36 -9.82 -9.46 10.61
N ASN A 37 -10.68 -9.70 11.60
CA ASN A 37 -10.28 -9.85 13.00
C ASN A 37 -9.68 -11.25 13.22
N ASP A 38 -8.57 -11.51 12.53
CA ASP A 38 -7.93 -12.81 12.53
C ASP A 38 -6.75 -12.90 13.49
N LYS A 39 -6.34 -11.78 14.09
CA LYS A 39 -5.21 -11.71 14.99
C LYS A 39 -3.91 -12.13 14.32
N LEU A 40 -3.83 -12.06 13.00
CA LEU A 40 -2.56 -12.26 12.33
C LEU A 40 -1.88 -10.91 12.13
N LYS A 41 -0.59 -10.85 12.42
CA LYS A 41 0.23 -9.69 12.09
C LYS A 41 1.40 -10.16 11.25
N TRP A 42 1.64 -9.46 10.14
CA TRP A 42 2.69 -9.78 9.21
C TRP A 42 3.65 -8.60 9.08
N CYS A 43 4.88 -8.88 8.65
CA CYS A 43 5.73 -7.81 8.13
C CYS A 43 6.63 -8.35 7.01
N LEU A 44 7.31 -7.42 6.34
CA LEU A 44 8.31 -7.73 5.35
C LEU A 44 9.69 -7.53 5.97
N ARG A 45 10.64 -8.35 5.54
CA ARG A 45 12.03 -8.17 5.94
C ARG A 45 12.95 -8.22 4.73
N VAL A 46 13.90 -7.28 4.68
CA VAL A 46 14.93 -7.23 3.64
C VAL A 46 16.31 -7.31 4.26
N ASN A 47 17.18 -8.07 3.60
CA ASN A 47 18.63 -7.99 3.82
C ASN A 47 19.19 -7.28 2.59
N PRO A 48 19.63 -6.02 2.72
CA PRO A 48 20.10 -5.29 1.52
C PRO A 48 21.31 -5.93 0.90
N LYS A 49 22.11 -6.66 1.66
CA LYS A 49 23.30 -7.32 1.16
C LYS A 49 23.25 -8.82 1.36
N GLY A 50 22.05 -9.39 1.38
CA GLY A 50 21.88 -10.82 1.34
C GLY A 50 21.97 -11.48 2.70
N LEU A 51 21.61 -12.75 2.71
CA LEU A 51 21.64 -13.51 3.94
C LEU A 51 23.01 -14.13 4.21
N ASP A 52 23.73 -14.55 3.17
CA ASP A 52 25.01 -15.21 3.31
C ASP A 52 25.87 -14.91 2.10
N GLU A 53 27.03 -15.56 2.00
CA GLU A 53 27.96 -15.23 0.91
C GLU A 53 27.35 -15.62 -0.43
N GLU A 54 26.55 -16.67 -0.47
CA GLU A 54 25.94 -17.06 -1.74
C GLU A 54 25.03 -15.97 -2.28
N SER A 55 24.43 -15.17 -1.40
CA SER A 55 23.45 -14.15 -1.78
C SER A 55 23.98 -12.73 -1.59
N LYS A 56 25.30 -12.58 -1.42
CA LYS A 56 25.88 -11.28 -1.12
C LYS A 56 25.66 -10.26 -2.22
N ASP A 57 25.40 -10.71 -3.44
CA ASP A 57 25.15 -9.86 -4.60
C ASP A 57 23.69 -9.41 -4.71
N TYR A 58 22.84 -9.82 -3.77
CA TYR A 58 21.40 -9.66 -3.89
C TYR A 58 20.80 -9.00 -2.67
N LEU A 59 19.65 -8.42 -2.88
CA LEU A 59 18.70 -8.14 -1.83
C LEU A 59 17.87 -9.38 -1.58
N SER A 60 17.72 -9.76 -0.31
CA SER A 60 16.88 -10.88 0.10
C SER A 60 15.59 -10.33 0.69
N LEU A 61 14.44 -10.88 0.28
CA LEU A 61 13.17 -10.33 0.70
C LEU A 61 12.25 -11.44 1.15
N TYR A 62 11.74 -11.32 2.38
CA TYR A 62 10.83 -12.33 2.93
C TYR A 62 9.57 -11.74 3.56
N LEU A 63 8.51 -12.56 3.59
CA LEU A 63 7.28 -12.27 4.33
C LEU A 63 7.32 -13.04 5.64
N LEU A 64 7.17 -12.33 6.77
CA LEU A 64 7.28 -12.89 8.12
C LEU A 64 5.91 -12.84 8.80
N LEU A 65 5.47 -13.97 9.32
CA LEU A 65 4.29 -14.00 10.17
C LEU A 65 4.76 -13.67 11.59
N VAL A 66 4.54 -12.42 12.01
CA VAL A 66 5.08 -11.90 13.27
C VAL A 66 4.29 -12.44 14.45
N SER A 67 2.95 -12.46 14.34
CA SER A 67 2.06 -12.81 15.44
C SER A 67 0.91 -13.67 14.92
N CYS A 68 0.61 -14.77 15.64
CA CYS A 68 -0.41 -15.72 15.16
C CYS A 68 -0.81 -16.65 16.28
N PRO A 69 -2.09 -16.66 16.67
CA PRO A 69 -2.54 -17.52 17.75
C PRO A 69 -2.88 -18.95 17.35
N LYS A 70 -2.82 -19.24 16.07
CA LYS A 70 -3.13 -20.53 15.48
C LYS A 70 -1.84 -21.30 15.21
N SER A 71 -1.99 -22.63 15.09
CA SER A 71 -0.81 -23.46 14.88
C SER A 71 -0.19 -23.26 13.50
N GLU A 72 -0.98 -22.91 12.49
CA GLU A 72 -0.43 -22.61 11.18
C GLU A 72 -1.40 -21.78 10.37
N VAL A 73 -0.84 -21.14 9.35
CA VAL A 73 -1.57 -20.37 8.36
C VAL A 73 -0.89 -20.65 7.03
N ARG A 74 -1.65 -21.08 6.02
CA ARG A 74 -1.07 -21.31 4.71
C ARG A 74 -1.34 -20.09 3.84
N ALA A 75 -0.32 -19.62 3.13
CA ALA A 75 -0.49 -18.44 2.29
C ALA A 75 0.42 -18.46 1.07
N LYS A 76 -0.11 -17.93 -0.03
CA LYS A 76 0.68 -17.58 -1.20
C LYS A 76 1.06 -16.11 -1.07
N PHE A 77 2.14 -15.72 -1.75
CA PHE A 77 2.56 -14.33 -1.67
C PHE A 77 3.21 -13.92 -2.98
N LYS A 78 3.22 -12.62 -3.22
CA LYS A 78 3.90 -12.06 -4.38
C LYS A 78 4.56 -10.75 -3.99
N PHE A 79 5.76 -10.49 -4.50
CA PHE A 79 6.50 -9.26 -4.23
C PHE A 79 6.83 -8.57 -5.55
N SER A 80 6.78 -7.24 -5.58
CA SER A 80 7.15 -6.48 -6.75
CA SER A 80 7.14 -6.48 -6.75
C SER A 80 7.84 -5.20 -6.32
N ILE A 81 8.59 -4.64 -7.27
CA ILE A 81 9.27 -3.37 -7.13
C ILE A 81 8.54 -2.38 -8.00
N LEU A 82 8.21 -1.22 -7.46
CA LEU A 82 7.59 -0.18 -8.26
C LEU A 82 8.69 0.74 -8.76
N ASN A 83 8.68 1.03 -10.04
CA ASN A 83 9.72 1.92 -10.57
C ASN A 83 9.27 3.38 -10.46
N ALA A 84 10.08 4.29 -11.03
CA ALA A 84 9.82 5.71 -10.85
C ALA A 84 8.52 6.14 -11.54
N LYS A 85 8.01 5.36 -12.50
CA LYS A 85 6.73 5.67 -13.11
C LYS A 85 5.56 4.98 -12.41
N GLY A 86 5.82 4.20 -11.37
CA GLY A 86 4.77 3.46 -10.66
C GLY A 86 4.53 2.07 -11.19
N GLU A 87 5.32 1.63 -12.17
CA GLU A 87 5.07 0.39 -12.89
C GLU A 87 5.71 -0.81 -12.19
N GLU A 88 5.08 -1.96 -12.42
CA GLU A 88 5.50 -3.22 -11.82
C GLU A 88 6.76 -3.73 -12.49
N THR A 89 7.71 -4.09 -11.66
CA THR A 89 9.04 -4.45 -12.12
C THR A 89 9.47 -5.67 -11.33
N LYS A 90 9.89 -6.70 -12.03
CA LYS A 90 10.69 -7.75 -11.40
C LYS A 90 9.91 -8.40 -10.27
N ALA A 91 8.60 -8.53 -10.47
CA ALA A 91 7.73 -9.23 -9.52
C ALA A 91 7.92 -10.74 -9.61
N MET A 92 7.76 -11.38 -8.46
CA MET A 92 7.87 -12.82 -8.38
C MET A 92 6.86 -13.31 -7.36
N GLU A 93 6.25 -14.44 -7.66
CA GLU A 93 5.25 -15.03 -6.78
C GLU A 93 5.68 -16.42 -6.31
N SER A 94 5.07 -16.87 -5.19
CA SER A 94 5.41 -18.15 -4.60
C SER A 94 4.85 -19.35 -5.38
N GLN A 95 3.80 -19.12 -6.16
CA GLN A 95 3.10 -20.17 -6.92
C GLN A 95 2.28 -21.09 -6.03
N ARG A 96 2.92 -21.77 -5.09
CA ARG A 96 2.18 -22.55 -4.12
C ARG A 96 2.07 -21.79 -2.80
N ALA A 97 1.21 -22.29 -1.93
CA ALA A 97 1.06 -21.73 -0.59
C ALA A 97 2.11 -22.37 0.30
N TYR A 98 2.63 -21.59 1.21
CA TYR A 98 3.62 -22.05 2.16
C TYR A 98 3.03 -22.03 3.56
N ARG A 99 3.54 -22.93 4.41
CA ARG A 99 3.07 -23.06 5.78
C ARG A 99 3.82 -22.07 6.67
N PHE A 100 3.08 -21.10 7.21
CA PHE A 100 3.58 -20.13 8.18
C PHE A 100 3.15 -20.51 9.59
N VAL A 101 4.06 -20.30 10.54
CA VAL A 101 3.74 -20.31 11.95
C VAL A 101 4.28 -18.99 12.50
N GLN A 102 3.84 -18.63 13.70
CA GLN A 102 4.44 -17.45 14.33
C GLN A 102 5.97 -17.53 14.33
N GLY A 103 6.62 -16.47 13.83
CA GLY A 103 8.06 -16.40 13.77
C GLY A 103 8.69 -16.94 12.50
N LYS A 104 7.89 -17.47 11.59
CA LYS A 104 8.36 -18.11 10.37
C LYS A 104 8.24 -17.15 9.21
N ASP A 105 9.23 -17.17 8.32
CA ASP A 105 9.17 -16.36 7.11
C ASP A 105 9.39 -17.24 5.89
N TRP A 106 8.96 -16.72 4.74
CA TRP A 106 9.17 -17.36 3.44
C TRP A 106 9.40 -16.26 2.43
N GLY A 107 10.26 -16.51 1.46
CA GLY A 107 10.52 -15.49 0.44
C GLY A 107 11.61 -15.89 -0.51
N PHE A 108 12.36 -14.89 -1.00
CA PHE A 108 13.37 -15.07 -2.04
C PHE A 108 14.69 -14.54 -1.53
N LYS A 109 15.65 -15.46 -1.32
CA LYS A 109 17.00 -15.09 -0.90
C LYS A 109 17.70 -14.27 -1.98
N LYS A 110 17.39 -14.52 -3.23
CA LYS A 110 17.97 -13.79 -4.36
C LYS A 110 16.85 -13.07 -5.07
N PHE A 111 16.26 -12.10 -4.37
CA PHE A 111 15.11 -11.42 -4.93
C PHE A 111 15.49 -10.52 -6.09
N ILE A 112 16.54 -9.72 -5.92
CA ILE A 112 16.98 -8.85 -7.02
C ILE A 112 18.46 -8.55 -6.83
N ARG A 113 19.20 -8.56 -7.94
CA ARG A 113 20.62 -8.27 -7.87
C ARG A 113 20.82 -6.80 -7.54
N ARG A 114 21.75 -6.53 -6.62
CA ARG A 114 22.04 -5.15 -6.23
C ARG A 114 22.53 -4.34 -7.43
N ASP A 115 23.31 -4.96 -8.30
CA ASP A 115 23.81 -4.25 -9.48
C ASP A 115 22.66 -3.75 -10.35
N PHE A 116 21.58 -4.53 -10.44
CA PHE A 116 20.42 -4.07 -11.21
C PHE A 116 19.67 -2.99 -10.45
N LEU A 117 19.52 -3.19 -9.15
CA LEU A 117 18.79 -2.24 -8.33
C LEU A 117 19.46 -0.89 -8.30
N LEU A 118 20.80 -0.86 -8.22
CA LEU A 118 21.52 0.40 -8.05
C LEU A 118 21.87 1.09 -9.37
N ASP A 119 21.57 0.47 -10.51
CA ASP A 119 21.73 1.06 -11.84
C ASP A 119 20.60 2.06 -12.08
N GLU A 120 20.94 3.35 -12.12
CA GLU A 120 19.92 4.39 -12.22
C GLU A 120 19.11 4.28 -13.51
N ALA A 121 19.63 3.62 -14.54
CA ALA A 121 18.84 3.46 -15.76
C ALA A 121 17.61 2.58 -15.57
N ASN A 122 17.53 1.83 -14.49
CA ASN A 122 16.34 1.04 -14.20
C ASN A 122 15.29 1.79 -13.40
N GLY A 123 15.58 2.99 -12.91
CA GLY A 123 14.57 3.81 -12.25
C GLY A 123 13.94 3.21 -11.00
N LEU A 124 14.70 2.43 -10.21
CA LEU A 124 14.13 1.70 -9.08
C LEU A 124 14.41 2.37 -7.73
N LEU A 125 15.25 3.38 -7.69
CA LEU A 125 15.55 4.09 -6.44
C LEU A 125 15.35 5.60 -6.58
N PRO A 126 14.20 6.03 -7.07
CA PRO A 126 13.98 7.48 -7.19
C PRO A 126 14.03 8.14 -5.83
N ASP A 127 14.77 9.24 -5.77
CA ASP A 127 14.93 10.02 -4.55
C ASP A 127 15.42 9.14 -3.40
N ASP A 128 16.25 8.16 -3.74
CA ASP A 128 16.86 7.26 -2.76
C ASP A 128 15.83 6.44 -2.00
N LYS A 129 14.70 6.11 -2.63
CA LYS A 129 13.64 5.33 -2.00
C LYS A 129 13.40 4.07 -2.80
N LEU A 130 13.30 2.94 -2.11
CA LEU A 130 12.87 1.68 -2.71
C LEU A 130 11.44 1.38 -2.31
N THR A 131 10.58 1.18 -3.31
CA THR A 131 9.17 0.92 -3.05
C THR A 131 8.86 -0.53 -3.41
N LEU A 132 8.42 -1.28 -2.41
CA LEU A 132 8.09 -2.70 -2.56
C LEU A 132 6.61 -2.93 -2.31
N PHE A 133 5.99 -3.73 -3.15
CA PHE A 133 4.60 -4.11 -3.01
C PHE A 133 4.54 -5.59 -2.71
N CYS A 134 3.65 -5.95 -1.78
CA CYS A 134 3.41 -7.35 -1.43
C CYS A 134 1.91 -7.61 -1.40
N GLU A 135 1.50 -8.68 -2.10
CA GLU A 135 0.16 -9.24 -1.99
C GLU A 135 0.24 -10.58 -1.30
N VAL A 136 -0.62 -10.81 -0.31
CA VAL A 136 -0.65 -12.05 0.46
C VAL A 136 -2.01 -12.68 0.24
N SER A 137 -2.04 -13.98 -0.04
CA SER A 137 -3.29 -14.72 -0.18
C SER A 137 -3.31 -15.84 0.85
N VAL A 138 -4.06 -15.66 1.95
CA VAL A 138 -4.19 -16.67 3.00
C VAL A 138 -5.26 -17.66 2.57
N VAL A 139 -4.93 -18.94 2.64
CA VAL A 139 -5.78 -20.04 2.18
C VAL A 139 -6.31 -20.76 3.41
N GLN A 140 -7.62 -20.77 3.57
CA GLN A 140 -8.26 -21.41 4.72
C GLN A 140 -9.20 -22.53 4.25
N ASP A 141 -9.45 -23.45 5.18
CA ASP A 141 -10.42 -24.53 4.97
C ASP A 141 -10.49 -25.39 6.22
N ALA B 1 11.88 25.54 10.69
CA ALA B 1 11.84 24.23 10.02
C ALA B 1 10.57 23.44 10.42
N PRO B 2 9.56 23.39 9.55
CA PRO B 2 8.33 22.65 9.89
C PRO B 2 8.56 21.17 10.18
N LYS B 3 7.80 20.66 11.16
CA LYS B 3 7.85 19.26 11.56
C LYS B 3 6.83 18.47 10.74
N VAL B 4 7.31 17.50 9.95
CA VAL B 4 6.45 16.72 9.06
C VAL B 4 6.56 15.25 9.42
N VAL B 5 5.42 14.59 9.54
CA VAL B 5 5.33 13.15 9.68
C VAL B 5 4.65 12.63 8.43
N LYS B 6 5.29 11.68 7.77
CA LYS B 6 4.77 11.09 6.54
C LYS B 6 4.38 9.64 6.78
N PHE B 7 3.20 9.23 6.26
CA PHE B 7 2.70 7.86 6.39
C PHE B 7 1.79 7.54 5.21
N SER B 8 1.39 6.29 5.13
CA SER B 8 0.57 5.85 4.00
C SER B 8 -0.40 4.77 4.48
N TYR B 9 -1.38 4.49 3.63
CA TYR B 9 -2.39 3.51 3.95
C TYR B 9 -2.95 2.93 2.66
N MET B 10 -3.09 1.61 2.62
CA MET B 10 -3.69 0.91 1.48
CA MET B 10 -3.69 0.92 1.48
C MET B 10 -5.10 0.46 1.86
N TRP B 11 -6.08 0.86 1.06
CA TRP B 11 -7.49 0.55 1.29
C TRP B 11 -7.99 -0.34 0.16
N THR B 12 -8.39 -1.56 0.49
CA THR B 12 -8.98 -2.45 -0.50
C THR B 12 -10.46 -2.53 -0.21
N ILE B 13 -11.28 -2.13 -1.19
CA ILE B 13 -12.72 -2.13 -1.08
C ILE B 13 -13.18 -3.41 -1.79
N ASN B 14 -13.56 -4.41 -1.01
CA ASN B 14 -14.05 -5.65 -1.63
C ASN B 14 -15.49 -5.49 -2.13
N ASN B 15 -15.85 -6.33 -3.09
CA ASN B 15 -17.23 -6.40 -3.59
C ASN B 15 -17.69 -5.05 -4.09
N PHE B 16 -16.85 -4.40 -4.89
CA PHE B 16 -17.15 -3.05 -5.29
C PHE B 16 -18.43 -2.96 -6.11
N SER B 17 -18.74 -3.97 -6.91
CA SER B 17 -19.99 -3.95 -7.68
C SER B 17 -21.24 -4.10 -6.81
N PHE B 18 -21.11 -4.25 -5.50
CA PHE B 18 -22.26 -4.38 -4.62
C PHE B 18 -22.55 -3.09 -3.87
N CYS B 19 -21.85 -2.01 -4.22
CA CYS B 19 -22.21 -0.68 -3.76
C CYS B 19 -23.57 -0.27 -4.32
N ARG B 20 -24.25 0.60 -3.59
CA ARG B 20 -25.58 1.06 -4.03
C ARG B 20 -25.48 1.90 -5.29
N GLU B 21 -26.56 1.87 -6.07
CA GLU B 21 -26.67 2.62 -7.32
C GLU B 21 -27.17 4.04 -7.10
N GLU B 22 -27.29 4.48 -5.86
CA GLU B 22 -27.82 5.80 -5.53
C GLU B 22 -26.68 6.78 -5.30
N MET B 23 -26.85 7.99 -5.83
CA MET B 23 -25.76 8.97 -5.87
C MET B 23 -25.33 9.44 -4.47
N GLY B 24 -25.91 8.92 -3.39
CA GLY B 24 -25.56 9.38 -2.06
C GLY B 24 -24.82 8.40 -1.16
N GLU B 25 -24.48 7.22 -1.66
CA GLU B 25 -23.77 6.25 -0.84
C GLU B 25 -22.37 6.76 -0.52
N VAL B 26 -21.98 6.62 0.76
CA VAL B 26 -20.62 6.86 1.23
C VAL B 26 -20.09 5.55 1.83
N ILE B 27 -18.91 5.15 1.39
CA ILE B 27 -18.13 4.04 1.93
C ILE B 27 -16.91 4.62 2.64
N LYS B 28 -16.61 4.13 3.85
CA LYS B 28 -15.49 4.63 4.63
C LYS B 28 -14.53 3.51 5.01
N SER B 29 -13.25 3.84 5.03
CA SER B 29 -12.24 2.89 5.46
C SER B 29 -12.22 2.80 6.98
N SER B 30 -11.47 1.84 7.48
CA SER B 30 -11.11 1.86 8.90
C SER B 30 -10.14 2.99 9.17
N THR B 31 -10.05 3.36 10.44
CA THR B 31 -9.17 4.45 10.82
C THR B 31 -7.72 4.00 10.75
N PHE B 32 -6.86 4.96 10.43
CA PHE B 32 -5.43 4.72 10.42
C PHE B 32 -4.71 5.94 10.97
N SER B 33 -3.44 5.74 11.27
CA SER B 33 -2.65 6.81 11.86
C SER B 33 -1.19 6.66 11.44
N SER B 34 -0.43 7.73 11.61
CA SER B 34 1.01 7.64 11.48
C SER B 34 1.56 6.67 12.53
N GLY B 35 2.77 6.18 12.27
CA GLY B 35 3.51 5.53 13.32
C GLY B 35 3.89 6.45 14.47
N ALA B 36 3.74 7.77 14.30
CA ALA B 36 4.06 8.69 15.36
C ALA B 36 2.99 8.61 16.44
N ASN B 37 3.37 9.02 17.64
CA ASN B 37 2.45 9.04 18.77
C ASN B 37 1.78 10.41 18.80
N ASP B 38 0.96 10.65 17.78
CA ASP B 38 0.38 11.98 17.56
C ASP B 38 -1.10 12.06 17.89
N LYS B 39 -1.73 10.96 18.25
CA LYS B 39 -3.15 10.92 18.64
C LYS B 39 -4.07 11.41 17.51
N LEU B 40 -3.63 11.28 16.27
CA LEU B 40 -4.48 11.62 15.14
C LEU B 40 -5.01 10.34 14.54
N LYS B 41 -6.28 10.34 14.21
CA LYS B 41 -6.90 9.22 13.53
C LYS B 41 -7.56 9.75 12.26
N TRP B 42 -7.34 9.02 11.18
CA TRP B 42 -7.77 9.41 9.85
C TRP B 42 -8.59 8.27 9.25
N CYS B 43 -9.41 8.60 8.26
CA CYS B 43 -9.95 7.57 7.36
C CYS B 43 -10.14 8.15 5.97
N LEU B 44 -10.37 7.27 5.01
CA LEU B 44 -10.76 7.63 3.67
C LEU B 44 -12.26 7.43 3.48
N ARG B 45 -12.85 8.25 2.63
CA ARG B 45 -14.26 8.08 2.26
C ARG B 45 -14.41 8.18 0.75
N VAL B 46 -15.23 7.29 0.21
CA VAL B 46 -15.50 7.19 -1.22
C VAL B 46 -17.01 7.34 -1.45
N ASN B 47 -17.39 8.16 -2.44
CA ASN B 47 -18.75 8.14 -3.01
C ASN B 47 -18.65 7.48 -4.37
N PRO B 48 -19.10 6.24 -4.54
CA PRO B 48 -18.96 5.58 -5.85
C PRO B 48 -19.65 6.30 -6.99
N LYS B 49 -20.71 7.08 -6.72
CA LYS B 49 -21.45 7.82 -7.73
C LYS B 49 -21.51 9.32 -7.42
N GLY B 50 -20.44 9.87 -6.83
CA GLY B 50 -20.34 11.31 -6.64
C GLY B 50 -21.24 11.84 -5.54
N LEU B 51 -21.21 13.16 -5.38
CA LEU B 51 -22.06 13.80 -4.39
C LEU B 51 -23.29 14.50 -4.95
N ASP B 52 -23.33 14.76 -6.25
CA ASP B 52 -24.41 15.54 -6.86
C ASP B 52 -24.31 15.35 -8.37
N GLU B 53 -25.17 16.06 -9.11
CA GLU B 53 -25.22 15.83 -10.54
C GLU B 53 -23.95 16.32 -11.22
N GLU B 54 -23.26 17.31 -10.64
CA GLU B 54 -22.00 17.77 -11.20
C GLU B 54 -20.94 16.66 -11.19
N SER B 55 -21.03 15.72 -10.23
CA SER B 55 -20.01 14.69 -10.07
C SER B 55 -20.57 13.28 -10.25
N LYS B 56 -21.79 13.15 -10.77
CA LYS B 56 -22.42 11.84 -10.84
C LYS B 56 -21.63 10.87 -11.72
N ASP B 57 -20.79 11.37 -12.62
CA ASP B 57 -19.97 10.55 -13.50
C ASP B 57 -18.67 10.08 -12.86
N TYR B 58 -18.41 10.46 -11.61
CA TYR B 58 -17.11 10.27 -10.98
C TYR B 58 -17.23 9.55 -9.65
N LEU B 59 -16.16 8.86 -9.28
CA LEU B 59 -15.95 8.48 -7.90
C LEU B 59 -15.30 9.65 -7.16
N SER B 60 -15.83 9.97 -5.98
CA SER B 60 -15.31 11.04 -5.15
C SER B 60 -14.50 10.44 -4.01
N LEU B 61 -13.33 11.05 -3.71
CA LEU B 61 -12.43 10.47 -2.72
C LEU B 61 -11.88 11.56 -1.82
N TYR B 62 -12.07 11.40 -0.51
CA TYR B 62 -11.61 12.36 0.47
C TYR B 62 -10.89 11.70 1.65
N LEU B 63 -9.96 12.47 2.24
CA LEU B 63 -9.26 12.15 3.46
C LEU B 63 -9.97 12.88 4.60
N LEU B 64 -10.38 12.14 5.62
CA LEU B 64 -11.12 12.71 6.75
C LEU B 64 -10.29 12.58 8.02
N LEU B 65 -10.18 13.67 8.77
CA LEU B 65 -9.57 13.64 10.10
C LEU B 65 -10.65 13.28 11.11
N VAL B 66 -10.61 12.03 11.56
CA VAL B 66 -11.67 11.47 12.41
C VAL B 66 -11.50 11.91 13.86
N SER B 67 -10.27 11.87 14.37
CA SER B 67 -9.99 12.19 15.77
C SER B 67 -8.76 13.07 15.83
N CYS B 68 -8.83 14.16 16.61
CA CYS B 68 -7.70 15.08 16.75
C CYS B 68 -7.84 15.94 17.99
N PRO B 69 -6.93 15.83 18.96
CA PRO B 69 -7.10 16.55 20.22
C PRO B 69 -6.56 17.96 20.21
N LYS B 70 -5.90 18.38 19.14
CA LYS B 70 -5.44 19.74 18.91
C LYS B 70 -6.47 20.52 18.11
N SER B 71 -6.37 21.84 18.17
N SER B 71 -6.31 21.85 18.12
CA SER B 71 -7.30 22.67 17.39
CA SER B 71 -7.26 22.70 17.41
C SER B 71 -7.25 22.30 15.92
C SER B 71 -7.21 22.53 15.91
N GLU B 72 -6.04 22.21 15.36
CA GLU B 72 -5.92 22.01 13.92
C GLU B 72 -4.61 21.30 13.61
N VAL B 73 -4.57 20.71 12.41
CA VAL B 73 -3.32 20.29 11.81
C VAL B 73 -3.38 20.68 10.36
N ARG B 74 -2.24 20.69 9.72
CA ARG B 74 -2.16 20.90 8.29
C ARG B 74 -1.55 19.65 7.68
N ALA B 75 -2.02 19.26 6.50
CA ALA B 75 -1.47 18.08 5.86
C ALA B 75 -1.58 18.13 4.35
N LYS B 76 -0.56 17.60 3.68
CA LYS B 76 -0.61 17.30 2.26
C LYS B 76 -1.02 15.84 2.08
N PHE B 77 -1.58 15.53 0.92
CA PHE B 77 -2.03 14.17 0.69
C PHE B 77 -1.96 13.85 -0.81
N LYS B 78 -1.91 12.56 -1.08
CA LYS B 78 -1.82 12.01 -2.43
C LYS B 78 -2.66 10.73 -2.44
N PHE B 79 -3.50 10.59 -3.46
CA PHE B 79 -4.29 9.39 -3.65
C PHE B 79 -3.95 8.77 -4.99
N SER B 80 -3.85 7.45 -5.01
CA SER B 80 -3.69 6.75 -6.26
C SER B 80 -4.52 5.47 -6.25
N ILE B 81 -4.62 4.86 -7.42
CA ILE B 81 -5.38 3.62 -7.58
C ILE B 81 -4.41 2.55 -8.03
N LEU B 82 -4.44 1.41 -7.37
CA LEU B 82 -3.55 0.33 -7.72
C LEU B 82 -4.27 -0.57 -8.71
N ASN B 83 -3.57 -1.06 -9.71
CA ASN B 83 -4.20 -1.98 -10.63
C ASN B 83 -3.91 -3.43 -10.21
N ALA B 84 -4.33 -4.37 -11.06
CA ALA B 84 -4.28 -5.78 -10.71
C ALA B 84 -2.86 -6.29 -10.50
N LYS B 85 -1.86 -5.57 -11.00
CA LYS B 85 -0.46 -5.97 -10.83
C LYS B 85 0.23 -5.19 -9.72
N GLY B 86 -0.54 -4.48 -8.91
CA GLY B 86 0.03 -3.66 -7.87
C GLY B 86 0.76 -2.45 -8.39
N GLU B 87 0.47 -2.02 -9.62
CA GLU B 87 1.07 -0.81 -10.17
C GLU B 87 0.28 0.40 -9.72
N GLU B 88 0.99 1.51 -9.43
CA GLU B 88 0.34 2.73 -8.98
C GLU B 88 -0.07 3.54 -10.19
N THR B 89 -1.37 3.81 -10.32
CA THR B 89 -1.86 4.53 -11.49
C THR B 89 -2.79 5.65 -11.01
N LYS B 90 -3.00 6.63 -11.90
CA LYS B 90 -4.02 7.67 -11.74
C LYS B 90 -3.82 8.48 -10.45
N ALA B 91 -2.57 8.76 -10.11
CA ALA B 91 -2.30 9.43 -8.83
C ALA B 91 -2.50 10.94 -8.93
N MET B 92 -3.08 11.54 -7.88
CA MET B 92 -3.12 12.99 -7.79
C MET B 92 -2.78 13.42 -6.37
N GLU B 93 -2.04 14.52 -6.28
CA GLU B 93 -1.61 15.11 -5.02
C GLU B 93 -2.26 16.47 -4.77
N SER B 94 -2.35 16.83 -3.49
CA SER B 94 -2.96 18.09 -3.08
C SER B 94 -2.09 19.30 -3.39
N GLN B 95 -0.77 19.09 -3.52
CA GLN B 95 0.20 20.14 -3.75
C GLN B 95 0.43 21.02 -2.52
N ARG B 96 -0.61 21.70 -2.06
CA ARG B 96 -0.49 22.49 -0.84
C ARG B 96 -0.99 21.69 0.36
N ALA B 97 -0.55 22.09 1.54
CA ALA B 97 -1.11 21.49 2.76
C ALA B 97 -2.41 22.18 3.11
N TYR B 98 -3.43 21.39 3.44
CA TYR B 98 -4.76 21.86 3.78
C TYR B 98 -4.99 21.76 5.29
N ARG B 99 -5.82 22.67 5.81
CA ARG B 99 -6.07 22.74 7.25
C ARG B 99 -7.19 21.78 7.62
N PHE B 100 -6.89 20.82 8.48
CA PHE B 100 -7.85 19.86 9.00
C PHE B 100 -8.13 20.18 10.47
N VAL B 101 -9.39 20.00 10.87
CA VAL B 101 -9.80 19.91 12.26
C VAL B 101 -10.56 18.60 12.39
N GLN B 102 -10.84 18.18 13.61
CA GLN B 102 -11.60 16.95 13.78
C GLN B 102 -12.93 17.08 13.03
N GLY B 103 -13.20 16.12 12.14
CA GLY B 103 -14.44 16.10 11.40
C GLY B 103 -14.39 16.73 10.02
N LYS B 104 -13.26 17.29 9.63
CA LYS B 104 -13.05 17.92 8.34
C LYS B 104 -12.41 16.93 7.36
N ASP B 105 -12.87 16.97 6.12
CA ASP B 105 -12.22 16.25 5.04
C ASP B 105 -11.78 17.20 3.94
N TRP B 106 -10.82 16.72 3.14
CA TRP B 106 -10.33 17.38 1.94
C TRP B 106 -10.07 16.27 0.93
N GLY B 107 -10.31 16.55 -0.34
CA GLY B 107 -10.04 15.57 -1.37
C GLY B 107 -10.47 16.00 -2.76
N PHE B 108 -10.84 15.04 -3.61
CA PHE B 108 -11.18 15.28 -5.00
C PHE B 108 -12.59 14.78 -5.27
N LYS B 109 -13.50 15.72 -5.53
CA LYS B 109 -14.86 15.36 -5.91
C LYS B 109 -14.92 14.54 -7.19
N LYS B 110 -14.03 14.80 -8.11
CA LYS B 110 -13.99 14.10 -9.39
C LYS B 110 -12.65 13.36 -9.47
N PHE B 111 -12.47 12.38 -8.60
CA PHE B 111 -11.19 11.70 -8.54
C PHE B 111 -10.93 10.81 -9.75
N ILE B 112 -11.91 10.02 -10.16
CA ILE B 112 -11.77 9.17 -11.36
C ILE B 112 -13.14 8.91 -11.98
N ARG B 113 -13.22 9.04 -13.30
CA ARG B 113 -14.47 8.76 -14.00
C ARG B 113 -14.86 7.31 -13.82
N ARG B 114 -16.15 7.09 -13.58
CA ARG B 114 -16.66 5.73 -13.51
C ARG B 114 -16.43 4.96 -14.82
N ASP B 115 -16.55 5.64 -15.98
CA ASP B 115 -16.30 4.95 -17.25
C ASP B 115 -14.92 4.30 -17.28
N PHE B 116 -13.91 4.98 -16.75
CA PHE B 116 -12.56 4.43 -16.75
C PHE B 116 -12.44 3.30 -15.74
N LEU B 117 -13.00 3.51 -14.55
CA LEU B 117 -12.86 2.54 -13.46
C LEU B 117 -13.49 1.20 -13.80
N LEU B 118 -14.67 1.24 -14.40
CA LEU B 118 -15.45 0.04 -14.70
C LEU B 118 -15.03 -0.60 -16.01
N ASP B 119 -14.09 -0.02 -16.75
CA ASP B 119 -13.60 -0.63 -17.98
C ASP B 119 -12.63 -1.74 -17.61
N GLU B 120 -13.00 -2.99 -17.86
CA GLU B 120 -12.18 -4.10 -17.37
C GLU B 120 -10.78 -4.06 -17.98
N ALA B 121 -10.65 -3.48 -19.17
CA ALA B 121 -9.33 -3.44 -19.80
C ALA B 121 -8.33 -2.62 -19.01
N ASN B 122 -8.78 -1.73 -18.12
CA ASN B 122 -7.84 -0.95 -17.32
C ASN B 122 -7.37 -1.69 -16.06
N GLY B 123 -7.99 -2.82 -15.72
CA GLY B 123 -7.52 -3.65 -14.62
C GLY B 123 -7.52 -2.99 -13.26
N LEU B 124 -8.59 -2.26 -12.95
CA LEU B 124 -8.68 -1.55 -11.69
C LEU B 124 -9.62 -2.22 -10.70
N LEU B 125 -10.39 -3.24 -11.14
CA LEU B 125 -11.32 -3.96 -10.27
C LEU B 125 -11.08 -5.47 -10.30
N PRO B 126 -9.83 -5.90 -10.19
CA PRO B 126 -9.56 -7.34 -10.13
C PRO B 126 -10.36 -8.02 -9.03
N ASP B 127 -11.06 -9.08 -9.39
CA ASP B 127 -11.88 -9.84 -8.44
C ASP B 127 -12.89 -8.92 -7.74
N ASP B 128 -13.31 -7.87 -8.43
CA ASP B 128 -14.33 -6.96 -7.90
C ASP B 128 -13.82 -6.19 -6.68
N LYS B 129 -12.54 -5.85 -6.66
CA LYS B 129 -11.90 -5.17 -5.56
C LYS B 129 -11.22 -3.91 -6.06
N LEU B 130 -11.51 -2.80 -5.40
CA LEU B 130 -10.87 -1.53 -5.68
C LEU B 130 -9.85 -1.23 -4.59
N THR B 131 -8.62 -0.97 -5.00
CA THR B 131 -7.54 -0.69 -4.07
C THR B 131 -7.00 0.71 -4.31
N LEU B 132 -7.13 1.52 -3.27
CA LEU B 132 -6.74 2.92 -3.26
C LEU B 132 -5.55 3.05 -2.34
N PHE B 133 -4.59 3.86 -2.74
CA PHE B 133 -3.39 4.06 -1.93
C PHE B 133 -3.31 5.54 -1.58
N CYS B 134 -3.05 5.84 -0.31
CA CYS B 134 -3.05 7.20 0.21
C CYS B 134 -1.74 7.45 0.94
N GLU B 135 -1.08 8.54 0.59
CA GLU B 135 0.05 9.03 1.37
C GLU B 135 -0.31 10.38 1.96
N VAL B 136 0.07 10.56 3.22
CA VAL B 136 -0.25 11.78 3.96
C VAL B 136 1.04 12.30 4.57
N SER B 137 1.21 13.62 4.50
CA SER B 137 2.31 14.31 5.15
C SER B 137 1.71 15.35 6.08
N VAL B 138 1.82 15.15 7.38
CA VAL B 138 1.21 16.03 8.36
C VAL B 138 2.27 17.00 8.83
N VAL B 139 1.92 18.29 8.85
CA VAL B 139 2.78 19.36 9.29
C VAL B 139 2.34 19.72 10.70
N GLN B 140 3.24 19.54 11.66
CA GLN B 140 2.99 19.81 13.08
C GLN B 140 3.87 20.96 13.60
N GLU C 3 -15.69 15.13 -19.08
CA GLU C 3 -14.41 15.85 -19.01
C GLU C 3 -13.22 14.89 -18.94
N ALA C 4 -12.14 15.32 -18.30
CA ALA C 4 -10.97 14.48 -18.15
C ALA C 4 -11.28 13.31 -17.23
N THR C 5 -10.48 12.24 -17.36
CA THR C 5 -10.65 11.08 -16.49
CA THR C 5 -10.66 11.08 -16.48
C THR C 5 -10.57 11.45 -15.01
N GLN C 6 -9.72 12.44 -14.68
CA GLN C 6 -9.49 12.87 -13.30
C GLN C 6 -9.42 14.39 -13.28
N VAL C 7 -9.96 15.00 -12.24
CA VAL C 7 -9.90 16.45 -12.08
C VAL C 7 -9.09 16.75 -10.83
N PRO C 8 -7.99 17.51 -10.93
CA PRO C 8 -7.07 17.61 -9.80
C PRO C 8 -7.31 18.77 -8.86
N LEU C 9 -8.57 19.17 -8.74
CA LEU C 9 -8.96 20.32 -7.94
C LEU C 9 -9.47 19.80 -6.60
N VAL C 10 -8.97 20.40 -5.53
CA VAL C 10 -9.23 19.92 -4.17
C VAL C 10 -10.45 20.64 -3.61
N SER C 11 -11.30 19.89 -2.91
CA SER C 11 -12.43 20.47 -2.22
C SER C 11 -12.71 19.66 -0.95
N SER C 12 -13.68 20.14 -0.19
CA SER C 12 -14.17 19.51 1.03
C SER C 12 -15.66 19.23 0.87
N THR C 13 -16.15 18.24 1.62
CA THR C 13 -17.60 18.03 1.65
C THR C 13 -18.31 19.02 2.55
N SER C 14 -17.57 19.84 3.30
CA SER C 14 -18.18 20.86 4.16
C SER C 14 -17.55 22.21 3.86
N GLU C 15 -18.28 23.26 4.24
CA GLU C 15 -17.90 24.62 3.85
C GLU C 15 -16.88 25.26 4.81
N GLY C 16 -17.21 25.32 6.09
CA GLY C 16 -16.29 25.88 7.05
C GLY C 16 -15.52 24.81 7.81
N TYR C 17 -15.46 24.92 9.12
CA TYR C 17 -14.73 23.97 9.93
C TYR C 17 -15.54 23.60 11.18
N GLU D 3 25.38 -12.75 -12.79
CA GLU D 3 24.51 -13.92 -12.66
C GLU D 3 23.06 -13.53 -13.00
N ALA D 4 22.13 -14.38 -12.56
CA ALA D 4 20.72 -14.15 -12.82
C ALA D 4 20.24 -12.95 -12.01
N THR D 5 19.45 -12.08 -12.66
CA THR D 5 18.99 -10.86 -12.00
C THR D 5 18.06 -11.16 -10.82
N GLN D 6 17.28 -12.23 -10.93
CA GLN D 6 16.34 -12.65 -9.91
C GLN D 6 16.31 -14.17 -9.95
N VAL D 7 16.13 -14.83 -8.82
CA VAL D 7 15.96 -16.27 -8.80
C VAL D 7 14.62 -16.57 -8.16
N PRO D 8 13.67 -17.18 -8.91
CA PRO D 8 12.29 -17.35 -8.42
C PRO D 8 12.08 -18.59 -7.57
N LEU D 9 13.02 -18.91 -6.69
CA LEU D 9 12.98 -20.11 -5.85
C LEU D 9 12.80 -19.67 -4.41
N VAL D 10 11.85 -20.28 -3.73
CA VAL D 10 11.41 -19.85 -2.41
C VAL D 10 12.22 -20.54 -1.31
N SER D 11 12.57 -19.76 -0.27
CA SER D 11 13.18 -20.35 0.90
C SER D 11 12.79 -19.54 2.13
N SER D 12 13.29 -20.01 3.27
CA SER D 12 13.05 -19.41 4.58
C SER D 12 14.39 -19.04 5.20
N THR D 13 14.35 -18.15 6.18
CA THR D 13 15.56 -17.89 6.95
C THR D 13 15.73 -18.85 8.13
N SER D 14 14.78 -19.76 8.34
CA SER D 14 14.88 -20.75 9.39
C SER D 14 14.46 -22.10 8.84
N GLU D 15 14.96 -23.13 9.50
CA GLU D 15 14.68 -24.53 9.18
C GLU D 15 13.52 -25.01 10.06
N GLY D 16 12.51 -25.59 9.44
CA GLY D 16 11.39 -26.13 10.21
C GLY D 16 10.44 -25.07 10.73
N TYR D 17 9.57 -25.51 11.65
CA TYR D 17 8.48 -24.69 12.15
C TYR D 17 8.35 -24.81 13.67
NA NA E . 0.02 8.20 14.84
#